data_5C1F
#
_entry.id   5C1F
#
_cell.length_a   187.337
_cell.length_b   33.802
_cell.length_c   120.765
_cell.angle_alpha   90.00
_cell.angle_beta   122.54
_cell.angle_gamma   90.00
#
_symmetry.space_group_name_H-M   'C 1 2 1'
#
loop_
_entity.id
_entity.type
_entity.pdbx_description
1 polymer 'Septation protein imp2'
2 non-polymer 'FORMIC ACID'
3 water water
#
_entity_poly.entity_id   1
_entity_poly.type   'polypeptide(L)'
_entity_poly.pdbx_seq_one_letter_code
;GSHMDKSFSNYFWGANDEGYHALLSRFSDVKHINEELRSFYHERANIEEDYAKRMAKLSRTTFSSLETGCLKESVQVMKA
EVDNMAKSHLQISQLLQDDVENAFTRYAASLKDKKKMIVSGIEKVHKDKLSKHQALVKAQDKYHYLCKKVNYYVSQQNML
FGKELEKNNAKLNKTQNAITASSSDYQSAVAAVRDSYARWTNEWRSTCDKLQDIEEERRHFLKSVMWTFTLLISRSCFND
DQACERIRKNLEQCSVSQDVLEFIDAKSTGTGIPQPPKFYDYYKGEVPDDSVELVQANFQRAQTKIENDN
;
_entity_poly.pdbx_strand_id   A,B
#
# COMPACT_ATOMS: atom_id res chain seq x y z
N MET A 4 28.26 1.64 -45.24
CA MET A 4 28.45 0.57 -44.25
C MET A 4 27.45 0.68 -43.11
N ASP A 5 26.60 -0.35 -42.97
CA ASP A 5 25.56 -0.36 -41.95
C ASP A 5 26.13 -0.46 -40.53
N LYS A 6 25.39 0.08 -39.56
CA LYS A 6 25.80 0.08 -38.17
C LYS A 6 25.16 -1.07 -37.40
N SER A 7 25.72 -2.27 -37.55
CA SER A 7 25.13 -3.46 -36.95
C SER A 7 26.17 -4.36 -36.28
N PHE A 8 25.69 -5.39 -35.58
CA PHE A 8 26.57 -6.36 -34.94
C PHE A 8 27.43 -7.08 -35.99
N SER A 9 26.89 -7.22 -37.20
CA SER A 9 27.54 -7.91 -38.29
C SER A 9 28.89 -7.29 -38.66
N ASN A 10 28.95 -5.97 -38.63
CA ASN A 10 30.12 -5.25 -39.12
C ASN A 10 31.04 -4.73 -38.04
N TYR A 11 30.67 -4.90 -36.78
CA TYR A 11 31.40 -4.26 -35.70
C TYR A 11 31.78 -5.20 -34.56
N PHE A 12 31.68 -6.49 -34.79
CA PHE A 12 32.09 -7.45 -33.76
C PHE A 12 32.97 -8.56 -34.32
N TRP A 13 34.10 -8.14 -34.90
CA TRP A 13 35.10 -9.07 -35.39
C TRP A 13 36.35 -8.97 -34.53
N GLY A 14 37.49 -8.71 -35.16
CA GLY A 14 38.75 -8.65 -34.45
C GLY A 14 39.66 -9.78 -34.88
N ALA A 15 40.97 -9.57 -34.74
CA ALA A 15 41.96 -10.53 -35.24
C ALA A 15 41.98 -11.84 -34.46
N ASN A 16 41.37 -11.84 -33.27
CA ASN A 16 41.33 -13.05 -32.45
C ASN A 16 39.91 -13.43 -32.04
N ASP A 17 38.95 -13.10 -32.89
CA ASP A 17 37.53 -13.36 -32.63
C ASP A 17 37.08 -12.73 -31.32
N GLU A 18 37.47 -11.48 -31.10
CA GLU A 18 37.11 -10.76 -29.90
C GLU A 18 35.61 -10.61 -29.76
N GLY A 19 34.95 -10.31 -30.88
CA GLY A 19 33.50 -10.22 -30.91
C GLY A 19 32.80 -11.51 -30.56
N TYR A 20 33.44 -12.63 -30.89
CA TYR A 20 32.88 -13.94 -30.61
C TYR A 20 32.80 -14.18 -29.11
N HIS A 21 33.91 -14.01 -28.41
CA HIS A 21 33.95 -14.26 -26.97
C HIS A 21 33.16 -13.20 -26.22
N ALA A 22 33.10 -11.99 -26.77
CA ALA A 22 32.40 -10.89 -26.12
C ALA A 22 30.88 -11.09 -26.13
N LEU A 23 30.31 -11.26 -27.32
CA LEU A 23 28.86 -11.39 -27.47
C LEU A 23 28.33 -12.64 -26.78
N LEU A 24 29.17 -13.67 -26.66
CA LEU A 24 28.74 -14.89 -25.99
C LEU A 24 28.69 -14.67 -24.48
N SER A 25 29.72 -14.02 -23.96
CA SER A 25 29.82 -13.74 -22.53
C SER A 25 28.76 -12.73 -22.07
N ARG A 26 28.21 -11.97 -23.01
CA ARG A 26 27.22 -10.95 -22.66
C ARG A 26 25.93 -11.60 -22.15
N PHE A 27 25.67 -12.83 -22.58
CA PHE A 27 24.48 -13.56 -22.13
C PHE A 27 24.34 -13.59 -20.62
N SER A 28 25.46 -13.68 -19.92
CA SER A 28 25.47 -13.72 -18.46
C SER A 28 25.19 -12.34 -17.86
N ASP A 29 25.56 -11.29 -18.59
CA ASP A 29 25.31 -9.92 -18.14
C ASP A 29 23.83 -9.57 -18.28
N VAL A 30 23.26 -9.97 -19.41
CA VAL A 30 21.84 -9.83 -19.66
C VAL A 30 21.03 -10.56 -18.59
N LYS A 31 21.47 -11.76 -18.23
CA LYS A 31 20.79 -12.55 -17.20
C LYS A 31 20.86 -11.88 -15.84
N HIS A 32 22.02 -11.30 -15.53
CA HIS A 32 22.25 -10.58 -14.28
C HIS A 32 21.32 -9.38 -14.15
N ILE A 33 21.29 -8.55 -15.17
CA ILE A 33 20.41 -7.39 -15.23
C ILE A 33 18.95 -7.81 -15.06
N ASN A 34 18.59 -8.88 -15.75
CA ASN A 34 17.23 -9.39 -15.71
C ASN A 34 16.83 -9.88 -14.32
N GLU A 35 17.77 -10.52 -13.63
CA GLU A 35 17.50 -11.06 -12.31
C GLU A 35 17.40 -9.96 -11.25
N GLU A 36 18.18 -8.89 -11.43
CA GLU A 36 18.12 -7.75 -10.51
C GLU A 36 16.74 -7.12 -10.51
N LEU A 37 16.21 -6.88 -11.71
CA LEU A 37 14.89 -6.26 -11.85
C LEU A 37 13.78 -7.19 -11.37
N ARG A 38 13.95 -8.49 -11.64
CA ARG A 38 12.98 -9.47 -11.17
C ARG A 38 12.88 -9.43 -9.65
N SER A 39 14.04 -9.40 -9.01
CA SER A 39 14.13 -9.36 -7.55
C SER A 39 13.51 -8.08 -7.00
N PHE A 40 13.76 -6.96 -7.69
CA PHE A 40 13.21 -5.67 -7.29
C PHE A 40 11.69 -5.71 -7.32
N TYR A 41 11.12 -6.13 -8.44
CA TYR A 41 9.67 -6.14 -8.60
C TYR A 41 9.01 -7.26 -7.82
N HIS A 42 9.78 -8.31 -7.51
CA HIS A 42 9.30 -9.36 -6.63
C HIS A 42 8.95 -8.77 -5.27
N GLU A 43 9.86 -7.97 -4.73
CA GLU A 43 9.65 -7.32 -3.44
C GLU A 43 8.50 -6.31 -3.51
N ARG A 44 8.47 -5.52 -4.57
CA ARG A 44 7.43 -4.52 -4.79
C ARG A 44 6.05 -5.15 -4.81
N ALA A 45 5.95 -6.36 -5.34
CA ALA A 45 4.68 -7.07 -5.41
C ALA A 45 4.26 -7.57 -4.03
N ASN A 46 5.22 -8.09 -3.28
CA ASN A 46 4.94 -8.58 -1.92
C ASN A 46 4.58 -7.44 -0.99
N ILE A 47 5.22 -6.29 -1.19
CA ILE A 47 4.87 -5.09 -0.44
C ILE A 47 3.42 -4.74 -0.70
N GLU A 48 3.01 -4.79 -1.96
CA GLU A 48 1.63 -4.47 -2.32
C GLU A 48 0.64 -5.47 -1.75
N GLU A 49 1.03 -6.75 -1.76
CA GLU A 49 0.16 -7.82 -1.27
C GLU A 49 -0.08 -7.66 0.23
N ASP A 50 1.00 -7.48 0.99
CA ASP A 50 0.92 -7.27 2.43
C ASP A 50 0.03 -6.08 2.77
N TYR A 51 0.21 -5.00 2.03
CA TYR A 51 -0.61 -3.80 2.12
C TYR A 51 -2.09 -4.14 1.93
N ALA A 52 -2.38 -4.86 0.84
CA ALA A 52 -3.74 -5.30 0.55
C ALA A 52 -4.31 -6.19 1.66
N LYS A 53 -3.52 -7.15 2.12
CA LYS A 53 -4.00 -8.08 3.15
C LYS A 53 -4.35 -7.35 4.45
N ARG A 54 -3.47 -6.46 4.89
CA ARG A 54 -3.71 -5.71 6.11
C ARG A 54 -4.94 -4.80 5.97
N MET A 55 -5.11 -4.21 4.80
CA MET A 55 -6.24 -3.31 4.56
C MET A 55 -7.55 -4.08 4.59
N ALA A 56 -7.53 -5.31 4.07
CA ALA A 56 -8.69 -6.18 4.11
C ALA A 56 -9.05 -6.55 5.55
N LYS A 57 -8.04 -6.92 6.33
CA LYS A 57 -8.23 -7.26 7.74
C LYS A 57 -8.87 -6.09 8.49
N LEU A 58 -8.41 -4.88 8.17
CA LEU A 58 -8.94 -3.67 8.78
C LEU A 58 -10.41 -3.47 8.45
N SER A 59 -10.79 -3.86 7.23
CA SER A 59 -12.17 -3.71 6.76
C SER A 59 -13.12 -4.64 7.51
N ARG A 60 -12.57 -5.69 8.11
CA ARG A 60 -13.37 -6.67 8.85
C ARG A 60 -13.70 -6.17 10.24
N THR A 61 -13.27 -4.96 10.55
CA THR A 61 -13.52 -4.37 11.85
C THR A 61 -15.01 -4.26 12.09
N THR A 62 -15.45 -4.75 13.24
CA THR A 62 -16.84 -4.64 13.63
C THR A 62 -16.99 -3.47 14.59
N PHE A 63 -17.92 -2.58 14.27
CA PHE A 63 -18.24 -1.46 15.14
C PHE A 63 -19.45 -1.78 15.99
N SER A 64 -19.63 -1.05 17.08
CA SER A 64 -20.80 -1.23 17.92
C SER A 64 -22.04 -0.68 17.23
N SER A 65 -23.21 -0.90 17.84
CA SER A 65 -24.47 -0.43 17.28
C SER A 65 -24.89 0.90 17.89
N LEU A 66 -23.91 1.67 18.36
CA LEU A 66 -24.18 2.89 19.11
C LEU A 66 -24.43 4.08 18.20
N GLU A 67 -23.89 4.05 16.99
CA GLU A 67 -24.12 5.13 16.05
C GLU A 67 -25.48 4.97 15.38
N THR A 68 -26.07 6.08 14.95
CA THR A 68 -27.41 6.06 14.35
C THR A 68 -27.47 6.87 13.06
N GLY A 69 -28.58 6.77 12.35
CA GLY A 69 -28.86 7.63 11.21
C GLY A 69 -27.95 7.45 10.02
N CYS A 70 -27.80 8.52 9.24
CA CYS A 70 -26.96 8.46 8.04
C CYS A 70 -25.48 8.47 8.42
N LEU A 71 -25.17 8.95 9.62
CA LEU A 71 -23.78 8.95 10.08
C LEU A 71 -23.28 7.51 10.27
N LYS A 72 -24.13 6.65 10.80
CA LYS A 72 -23.80 5.23 10.92
C LYS A 72 -23.62 4.62 9.53
N GLU A 73 -24.47 5.02 8.58
CA GLU A 73 -24.37 4.54 7.21
C GLU A 73 -23.05 4.96 6.57
N SER A 74 -22.65 6.19 6.84
CA SER A 74 -21.40 6.72 6.30
C SER A 74 -20.19 5.91 6.77
N VAL A 75 -20.20 5.52 8.04
CA VAL A 75 -19.13 4.68 8.56
C VAL A 75 -19.15 3.32 7.87
N GLN A 76 -20.34 2.82 7.59
CA GLN A 76 -20.46 1.55 6.90
C GLN A 76 -20.00 1.66 5.46
N VAL A 77 -20.41 2.74 4.79
CA VAL A 77 -19.98 3.01 3.43
C VAL A 77 -18.46 3.19 3.37
N MET A 78 -17.92 3.90 4.35
CA MET A 78 -16.48 4.11 4.44
C MET A 78 -15.73 2.80 4.61
N LYS A 79 -16.27 1.91 5.45
CA LYS A 79 -15.65 0.62 5.70
C LYS A 79 -15.76 -0.28 4.48
N ALA A 80 -16.89 -0.21 3.79
CA ALA A 80 -17.08 -0.96 2.56
C ALA A 80 -16.16 -0.46 1.46
N GLU A 81 -15.88 0.84 1.45
CA GLU A 81 -15.04 1.41 0.40
C GLU A 81 -13.56 1.21 0.69
N VAL A 82 -13.20 1.13 1.97
CA VAL A 82 -11.85 0.75 2.35
C VAL A 82 -11.62 -0.72 1.94
N ASP A 83 -12.68 -1.52 2.05
CA ASP A 83 -12.63 -2.91 1.60
C ASP A 83 -12.46 -2.99 0.08
N ASN A 84 -13.15 -2.11 -0.64
CA ASN A 84 -13.01 -2.05 -2.09
C ASN A 84 -11.60 -1.66 -2.49
N MET A 85 -10.98 -0.80 -1.70
CA MET A 85 -9.61 -0.41 -1.94
C MET A 85 -8.67 -1.59 -1.69
N ALA A 86 -8.96 -2.37 -0.66
CA ALA A 86 -8.19 -3.58 -0.35
C ALA A 86 -8.27 -4.58 -1.51
N LYS A 87 -9.47 -4.85 -1.99
CA LYS A 87 -9.70 -5.77 -3.10
C LYS A 87 -8.90 -5.36 -4.34
N SER A 88 -8.91 -4.06 -4.61
CA SER A 88 -8.18 -3.51 -5.75
C SER A 88 -6.69 -3.74 -5.58
N HIS A 89 -6.17 -3.34 -4.43
CA HIS A 89 -4.75 -3.51 -4.14
C HIS A 89 -4.32 -4.98 -4.19
N LEU A 90 -5.20 -5.89 -3.80
CA LEU A 90 -4.90 -7.32 -3.88
C LEU A 90 -4.80 -7.75 -5.35
N GLN A 91 -5.73 -7.29 -6.16
CA GLN A 91 -5.72 -7.54 -7.59
C GLN A 91 -4.46 -6.94 -8.24
N ILE A 92 -4.09 -5.74 -7.82
CA ILE A 92 -2.90 -5.08 -8.35
C ILE A 92 -1.63 -5.86 -8.00
N SER A 93 -1.54 -6.34 -6.76
CA SER A 93 -0.38 -7.11 -6.34
C SER A 93 -0.27 -8.41 -7.13
N GLN A 94 -1.41 -8.99 -7.47
CA GLN A 94 -1.42 -10.21 -8.27
C GLN A 94 -0.93 -9.94 -9.69
N LEU A 95 -1.31 -8.79 -10.25
CA LEU A 95 -0.86 -8.41 -11.58
C LEU A 95 0.62 -8.01 -11.55
N LEU A 96 1.06 -7.40 -10.45
CA LEU A 96 2.48 -7.06 -10.29
C LEU A 96 3.32 -8.32 -10.32
N GLN A 97 2.78 -9.40 -9.78
CA GLN A 97 3.49 -10.68 -9.78
C GLN A 97 3.45 -11.34 -11.14
N ASP A 98 2.26 -11.42 -11.74
CA ASP A 98 2.07 -12.15 -12.99
C ASP A 98 2.56 -11.39 -14.22
N ASP A 99 2.24 -10.10 -14.31
CA ASP A 99 2.55 -9.34 -15.52
C ASP A 99 3.89 -8.60 -15.46
N VAL A 100 4.39 -8.37 -14.25
CA VAL A 100 5.66 -7.65 -14.12
C VAL A 100 6.78 -8.59 -13.68
N GLU A 101 6.73 -9.04 -12.43
CA GLU A 101 7.74 -9.96 -11.89
C GLU A 101 7.94 -11.20 -12.76
N ASN A 102 6.87 -11.92 -13.02
CA ASN A 102 6.95 -13.17 -13.78
C ASN A 102 7.35 -12.96 -15.25
N ALA A 103 7.22 -11.73 -15.72
CA ALA A 103 7.64 -11.40 -17.08
C ALA A 103 9.15 -11.54 -17.21
N PHE A 104 9.87 -11.14 -16.16
CA PHE A 104 11.31 -11.33 -16.11
C PHE A 104 11.66 -12.81 -16.01
N THR A 105 10.83 -13.56 -15.28
CA THR A 105 11.04 -15.00 -15.12
C THR A 105 10.88 -15.72 -16.45
N ARG A 106 9.83 -15.36 -17.19
N ARG A 106 9.83 -15.39 -17.19
CA ARG A 106 9.57 -15.95 -18.49
CA ARG A 106 9.61 -15.98 -18.50
C ARG A 106 10.65 -15.54 -19.50
C ARG A 106 10.73 -15.59 -19.45
N TYR A 107 11.21 -14.36 -19.32
CA TYR A 107 12.30 -13.88 -20.18
C TYR A 107 13.56 -14.70 -19.94
N ALA A 108 13.88 -14.95 -18.66
CA ALA A 108 15.07 -15.72 -18.31
C ALA A 108 14.98 -17.15 -18.83
N ALA A 109 13.76 -17.67 -18.91
CA ALA A 109 13.53 -19.02 -19.41
C ALA A 109 13.66 -19.04 -20.94
N SER A 110 13.15 -18.00 -21.58
CA SER A 110 13.25 -17.89 -23.03
C SER A 110 14.68 -17.66 -23.47
N LEU A 111 15.40 -16.81 -22.73
CA LEU A 111 16.79 -16.48 -23.04
C LEU A 111 17.67 -17.71 -22.96
N LYS A 112 17.39 -18.58 -22.00
CA LYS A 112 18.14 -19.82 -21.83
C LYS A 112 18.02 -20.70 -23.08
N ASP A 113 16.82 -20.78 -23.65
CA ASP A 113 16.61 -21.54 -24.87
C ASP A 113 17.27 -20.88 -26.07
N LYS A 114 17.15 -19.56 -26.14
CA LYS A 114 17.78 -18.80 -27.23
C LYS A 114 19.28 -19.00 -27.22
N LYS A 115 19.88 -18.91 -26.04
CA LYS A 115 21.32 -19.10 -25.90
C LYS A 115 21.73 -20.51 -26.31
N LYS A 116 20.95 -21.50 -25.90
CA LYS A 116 21.24 -22.89 -26.22
C LYS A 116 21.23 -23.12 -27.73
N MET A 117 20.25 -22.54 -28.41
CA MET A 117 20.12 -22.68 -29.85
C MET A 117 21.24 -21.95 -30.57
N ILE A 118 21.61 -20.77 -30.07
CA ILE A 118 22.62 -19.95 -30.72
C ILE A 118 24.03 -20.46 -30.46
N VAL A 119 24.35 -20.72 -29.19
CA VAL A 119 25.68 -21.21 -28.81
C VAL A 119 26.04 -22.51 -29.52
N SER A 120 25.09 -23.44 -29.58
CA SER A 120 25.33 -24.73 -30.23
C SER A 120 25.72 -24.56 -31.69
N GLY A 121 24.89 -23.84 -32.44
CA GLY A 121 25.08 -23.68 -33.86
C GLY A 121 26.22 -22.76 -34.28
N ILE A 122 27.02 -22.30 -33.33
CA ILE A 122 28.14 -21.44 -33.68
C ILE A 122 29.45 -21.96 -33.08
N GLU A 123 29.39 -22.64 -31.95
CA GLU A 123 30.59 -23.16 -31.32
C GLU A 123 31.18 -24.33 -32.11
N LYS A 124 30.32 -25.06 -32.81
CA LYS A 124 30.77 -26.15 -33.67
C LYS A 124 31.57 -25.58 -34.82
N VAL A 125 31.05 -24.52 -35.43
CA VAL A 125 31.72 -23.85 -36.54
C VAL A 125 33.04 -23.26 -36.07
N HIS A 126 33.03 -22.65 -34.90
CA HIS A 126 34.22 -22.04 -34.33
C HIS A 126 35.28 -23.09 -33.97
N LYS A 127 34.85 -24.21 -33.42
CA LYS A 127 35.76 -25.29 -33.06
C LYS A 127 36.42 -25.87 -34.30
N ASP A 128 35.66 -26.00 -35.39
CA ASP A 128 36.19 -26.50 -36.64
C ASP A 128 37.19 -25.51 -37.24
N LYS A 129 36.89 -24.22 -37.10
CA LYS A 129 37.79 -23.18 -37.59
C LYS A 129 39.15 -23.25 -36.91
N LEU A 130 39.14 -23.38 -35.58
CA LEU A 130 40.38 -23.50 -34.85
C LEU A 130 41.05 -24.84 -35.12
N SER A 131 40.24 -25.87 -35.35
CA SER A 131 40.77 -27.21 -35.63
C SER A 131 41.55 -27.23 -36.94
N LYS A 132 40.99 -26.66 -37.99
CA LYS A 132 41.69 -26.59 -39.27
C LYS A 132 42.95 -25.75 -39.15
N HIS A 133 42.85 -24.63 -38.42
CA HIS A 133 43.98 -23.71 -38.27
C HIS A 133 45.17 -24.39 -37.59
N GLN A 134 44.88 -25.22 -36.58
CA GLN A 134 45.92 -26.02 -35.93
C GLN A 134 46.56 -26.97 -36.93
N ALA A 135 45.72 -27.62 -37.73
CA ALA A 135 46.19 -28.56 -38.75
C ALA A 135 47.04 -27.85 -39.78
N LEU A 136 46.70 -26.60 -40.07
CA LEU A 136 47.46 -25.81 -41.03
C LEU A 136 48.85 -25.49 -40.49
N VAL A 137 48.93 -25.09 -39.24
CA VAL A 137 50.20 -24.77 -38.60
C VAL A 137 51.08 -26.01 -38.51
N LYS A 138 50.47 -27.13 -38.13
CA LYS A 138 51.18 -28.40 -38.04
C LYS A 138 51.73 -28.84 -39.40
N ALA A 139 50.96 -28.60 -40.45
CA ALA A 139 51.36 -28.98 -41.80
C ALA A 139 52.39 -28.01 -42.36
N GLN A 140 52.20 -26.73 -42.06
CA GLN A 140 53.14 -25.69 -42.49
C GLN A 140 54.52 -25.90 -41.83
N ASP A 141 54.50 -26.30 -40.55
CA ASP A 141 55.74 -26.54 -39.82
C ASP A 141 56.53 -27.73 -40.36
N LYS A 142 55.84 -28.83 -40.65
CA LYS A 142 56.50 -30.01 -41.20
C LYS A 142 57.20 -29.66 -42.51
N TYR A 143 56.48 -28.97 -43.38
CA TYR A 143 57.01 -28.55 -44.67
C TYR A 143 58.14 -27.53 -44.51
N HIS A 144 58.01 -26.67 -43.50
CA HIS A 144 59.02 -25.66 -43.22
C HIS A 144 60.36 -26.28 -42.87
N TYR A 145 60.36 -27.16 -41.87
CA TYR A 145 61.60 -27.70 -41.35
C TYR A 145 62.15 -28.85 -42.19
N LEU A 146 61.35 -29.35 -43.12
CA LEU A 146 61.86 -30.29 -44.12
C LEU A 146 62.73 -29.53 -45.12
N CYS A 147 62.25 -28.37 -45.55
CA CYS A 147 63.03 -27.52 -46.45
C CYS A 147 64.30 -27.06 -45.75
N LYS A 148 64.20 -26.88 -44.43
CA LYS A 148 65.32 -26.40 -43.63
C LYS A 148 66.41 -27.47 -43.53
N LYS A 149 66.01 -28.74 -43.51
CA LYS A 149 66.97 -29.83 -43.47
C LYS A 149 67.68 -29.99 -44.80
N VAL A 150 66.94 -29.82 -45.89
CA VAL A 150 67.53 -29.85 -47.22
C VAL A 150 68.63 -28.80 -47.33
N ASN A 151 68.31 -27.59 -46.88
CA ASN A 151 69.27 -26.50 -46.84
C ASN A 151 70.55 -26.91 -46.11
N TYR A 152 70.37 -27.57 -44.97
CA TYR A 152 71.49 -28.05 -44.16
C TYR A 152 72.29 -29.15 -44.85
N TYR A 153 71.60 -30.16 -45.38
CA TYR A 153 72.27 -31.30 -46.02
C TYR A 153 73.08 -30.88 -47.24
N VAL A 154 72.61 -29.84 -47.92
CA VAL A 154 73.33 -29.32 -49.08
C VAL A 154 74.59 -28.59 -48.61
N SER A 155 74.47 -27.85 -47.50
CA SER A 155 75.61 -27.10 -46.96
C SER A 155 76.70 -28.05 -46.44
N GLN A 156 76.31 -29.26 -46.08
CA GLN A 156 77.26 -30.25 -45.58
C GLN A 156 78.11 -30.84 -46.70
N GLN A 157 77.62 -30.74 -47.94
CA GLN A 157 78.30 -31.34 -49.08
C GLN A 157 79.66 -30.67 -49.36
N ASN A 158 79.83 -29.45 -48.88
CA ASN A 158 81.04 -28.68 -49.15
C ASN A 158 82.23 -29.15 -48.32
N MET A 159 81.97 -29.68 -47.13
CA MET A 159 83.06 -30.05 -46.23
C MET A 159 83.10 -31.55 -45.90
N LEU A 160 82.07 -32.29 -46.27
CA LEU A 160 82.03 -33.73 -45.98
C LEU A 160 82.72 -34.56 -47.05
N PHE A 161 83.08 -35.78 -46.68
CA PHE A 161 83.76 -36.71 -47.57
C PHE A 161 83.46 -38.16 -47.16
N GLY A 162 83.89 -39.10 -47.98
CA GLY A 162 83.80 -40.52 -47.65
C GLY A 162 82.39 -41.04 -47.41
N LYS A 163 82.28 -42.00 -46.48
CA LYS A 163 81.02 -42.66 -46.20
C LYS A 163 80.03 -41.74 -45.46
N GLU A 164 80.54 -40.65 -44.92
CA GLU A 164 79.69 -39.71 -44.20
C GLU A 164 79.12 -38.67 -45.17
N LEU A 165 79.77 -38.50 -46.31
CA LEU A 165 79.24 -37.64 -47.36
C LEU A 165 78.10 -38.33 -48.08
N GLU A 166 78.26 -39.63 -48.34
CA GLU A 166 77.24 -40.40 -49.04
C GLU A 166 76.03 -40.64 -48.14
N LYS A 167 76.29 -40.82 -46.84
CA LYS A 167 75.23 -40.95 -45.85
C LYS A 167 74.44 -39.65 -45.77
N ASN A 168 75.15 -38.54 -45.91
CA ASN A 168 74.53 -37.22 -45.93
C ASN A 168 73.68 -37.03 -47.17
N ASN A 169 74.21 -37.46 -48.31
CA ASN A 169 73.48 -37.34 -49.57
C ASN A 169 72.28 -38.28 -49.62
N ALA A 170 72.34 -39.37 -48.87
CA ALA A 170 71.21 -40.27 -48.73
C ALA A 170 70.09 -39.59 -47.95
N LYS A 171 70.45 -38.95 -46.84
CA LYS A 171 69.49 -38.19 -46.03
C LYS A 171 68.90 -37.05 -46.84
N LEU A 172 69.74 -36.41 -47.64
CA LEU A 172 69.31 -35.31 -48.49
C LEU A 172 68.28 -35.79 -49.50
N ASN A 173 68.57 -36.94 -50.12
CA ASN A 173 67.68 -37.48 -51.13
C ASN A 173 66.35 -37.93 -50.52
N LYS A 174 66.42 -38.53 -49.34
CA LYS A 174 65.22 -38.97 -48.65
C LYS A 174 64.34 -37.79 -48.25
N THR A 175 65.00 -36.69 -47.86
CA THR A 175 64.30 -35.50 -47.40
C THR A 175 63.64 -34.76 -48.56
N GLN A 176 64.29 -34.78 -49.72
N GLN A 176 64.28 -34.79 -49.72
CA GLN A 176 63.76 -34.14 -50.91
CA GLN A 176 63.74 -34.14 -50.91
C GLN A 176 62.49 -34.84 -51.42
C GLN A 176 62.48 -34.84 -51.41
N ASN A 177 62.47 -36.17 -51.32
CA ASN A 177 61.31 -36.94 -51.76
C ASN A 177 60.13 -36.77 -50.81
N ALA A 178 60.42 -36.31 -49.60
CA ALA A 178 59.39 -36.07 -48.59
C ALA A 178 58.72 -34.72 -48.81
N ILE A 179 59.41 -33.83 -49.53
CA ILE A 179 58.92 -32.49 -49.80
C ILE A 179 57.60 -32.50 -50.57
N THR A 180 57.53 -33.34 -51.60
CA THR A 180 56.36 -33.40 -52.47
C THR A 180 55.07 -33.68 -51.71
N ALA A 181 55.10 -34.69 -50.84
CA ALA A 181 53.91 -35.04 -50.08
C ALA A 181 53.64 -34.01 -48.98
N SER A 182 54.70 -33.51 -48.37
CA SER A 182 54.59 -32.52 -47.30
C SER A 182 54.02 -31.21 -47.83
N SER A 183 54.47 -30.83 -49.02
CA SER A 183 53.96 -29.64 -49.69
C SER A 183 52.49 -29.86 -50.07
N SER A 184 52.18 -31.09 -50.47
CA SER A 184 50.82 -31.45 -50.84
C SER A 184 49.86 -31.36 -49.66
N ASP A 185 50.24 -31.95 -48.54
CA ASP A 185 49.40 -31.93 -47.34
C ASP A 185 49.23 -30.51 -46.81
N TYR A 186 50.30 -29.72 -46.92
CA TYR A 186 50.28 -28.32 -46.53
C TYR A 186 49.25 -27.55 -47.35
N GLN A 187 49.30 -27.70 -48.67
CA GLN A 187 48.37 -27.00 -49.55
C GLN A 187 46.93 -27.46 -49.32
N SER A 188 46.76 -28.72 -48.94
CA SER A 188 45.44 -29.22 -48.57
C SER A 188 44.97 -28.52 -47.31
N ALA A 189 45.89 -28.30 -46.38
CA ALA A 189 45.59 -27.64 -45.12
C ALA A 189 45.19 -26.19 -45.37
N VAL A 190 45.90 -25.54 -46.29
CA VAL A 190 45.56 -24.17 -46.70
C VAL A 190 44.14 -24.12 -47.29
N ALA A 191 43.83 -25.07 -48.16
CA ALA A 191 42.52 -25.12 -48.80
C ALA A 191 41.40 -25.32 -47.78
N ALA A 192 41.61 -26.26 -46.86
CA ALA A 192 40.60 -26.60 -45.85
C ALA A 192 40.34 -25.45 -44.88
N VAL A 193 41.39 -24.73 -44.51
CA VAL A 193 41.25 -23.59 -43.60
C VAL A 193 40.53 -22.44 -44.30
N ARG A 194 40.77 -22.29 -45.60
N ARG A 194 40.73 -22.32 -45.61
CA ARG A 194 40.10 -21.24 -46.36
CA ARG A 194 40.11 -21.23 -46.37
C ARG A 194 38.60 -21.47 -46.35
C ARG A 194 38.61 -21.46 -46.56
N ASP A 195 38.19 -22.72 -46.58
CA ASP A 195 36.77 -23.06 -46.62
C ASP A 195 36.14 -22.84 -45.25
N SER A 196 36.87 -23.19 -44.20
CA SER A 196 36.37 -23.06 -42.84
C SER A 196 36.19 -21.58 -42.46
N TYR A 197 37.13 -20.75 -42.85
CA TYR A 197 37.03 -19.31 -42.63
C TYR A 197 35.86 -18.70 -43.39
N ALA A 198 35.65 -19.18 -44.62
CA ALA A 198 34.53 -18.71 -45.43
C ALA A 198 33.21 -19.06 -44.77
N ARG A 199 33.12 -20.29 -44.26
CA ARG A 199 31.92 -20.73 -43.56
C ARG A 199 31.75 -19.98 -42.25
N TRP A 200 32.87 -19.69 -41.59
CA TRP A 200 32.86 -18.96 -40.33
C TRP A 200 32.34 -17.54 -40.49
N THR A 201 32.81 -16.85 -41.53
CA THR A 201 32.41 -15.48 -41.81
C THR A 201 30.89 -15.38 -42.02
N ASN A 202 30.34 -16.33 -42.77
CA ASN A 202 28.91 -16.35 -43.03
C ASN A 202 28.08 -16.69 -41.79
N GLU A 203 28.58 -17.63 -41.00
CA GLU A 203 27.84 -18.13 -39.85
C GLU A 203 27.84 -17.11 -38.71
N TRP A 204 28.98 -16.45 -38.50
CA TRP A 204 29.08 -15.44 -37.45
C TRP A 204 28.25 -14.22 -37.82
N ARG A 205 28.18 -13.93 -39.12
CA ARG A 205 27.30 -12.86 -39.59
C ARG A 205 25.85 -13.18 -39.22
N SER A 206 25.43 -14.41 -39.52
CA SER A 206 24.08 -14.86 -39.22
C SER A 206 23.82 -14.81 -37.72
N THR A 207 24.82 -15.23 -36.95
CA THR A 207 24.72 -15.22 -35.49
C THR A 207 24.64 -13.80 -34.95
N CYS A 208 25.42 -12.90 -35.53
CA CYS A 208 25.41 -11.49 -35.11
C CYS A 208 24.06 -10.85 -35.32
N ASP A 209 23.40 -11.20 -36.43
CA ASP A 209 22.06 -10.70 -36.70
C ASP A 209 21.09 -11.16 -35.60
N LYS A 210 21.16 -12.45 -35.26
CA LYS A 210 20.31 -13.01 -34.22
C LYS A 210 20.63 -12.43 -32.84
N LEU A 211 21.91 -12.18 -32.60
CA LEU A 211 22.34 -11.60 -31.33
C LEU A 211 21.90 -10.14 -31.22
N GLN A 212 21.85 -9.44 -32.35
CA GLN A 212 21.37 -8.07 -32.37
C GLN A 212 19.87 -8.03 -32.16
N ASP A 213 19.16 -9.02 -32.71
CA ASP A 213 17.72 -9.13 -32.49
C ASP A 213 17.43 -9.26 -31.00
N ILE A 214 18.17 -10.15 -30.34
CA ILE A 214 17.99 -10.39 -28.91
C ILE A 214 18.21 -9.12 -28.09
N GLU A 215 19.26 -8.37 -28.43
CA GLU A 215 19.56 -7.14 -27.72
C GLU A 215 18.48 -6.09 -27.93
N GLU A 216 18.02 -5.94 -29.17
CA GLU A 216 16.97 -4.99 -29.48
C GLU A 216 15.65 -5.35 -28.81
N GLU A 217 15.33 -6.64 -28.78
CA GLU A 217 14.12 -7.11 -28.13
C GLU A 217 14.23 -6.95 -26.61
N ARG A 218 15.44 -7.15 -26.09
CA ARG A 218 15.68 -7.06 -24.66
C ARG A 218 15.32 -5.67 -24.13
N ARG A 219 15.72 -4.64 -24.89
CA ARG A 219 15.49 -3.27 -24.46
C ARG A 219 14.03 -2.88 -24.61
N HIS A 220 13.38 -3.38 -25.66
CA HIS A 220 11.95 -3.16 -25.80
C HIS A 220 11.19 -3.85 -24.68
N PHE A 221 11.65 -5.06 -24.33
CA PHE A 221 11.03 -5.82 -23.26
C PHE A 221 11.09 -5.08 -21.93
N LEU A 222 12.28 -4.62 -21.56
CA LEU A 222 12.49 -3.94 -20.29
C LEU A 222 11.67 -2.64 -20.19
N LYS A 223 11.58 -1.91 -21.30
CA LYS A 223 10.76 -0.69 -21.34
C LYS A 223 9.27 -1.01 -21.14
N SER A 224 8.78 -2.02 -21.83
CA SER A 224 7.35 -2.36 -21.77
C SER A 224 6.93 -2.84 -20.39
N VAL A 225 7.80 -3.59 -19.72
CA VAL A 225 7.50 -4.10 -18.39
C VAL A 225 7.45 -2.97 -17.37
N MET A 226 8.42 -2.06 -17.45
CA MET A 226 8.40 -0.88 -16.59
C MET A 226 7.18 -0.02 -16.92
N TRP A 227 6.82 0.01 -18.19
CA TRP A 227 5.62 0.74 -18.61
C TRP A 227 4.39 0.08 -17.98
N THR A 228 4.31 -1.24 -18.07
CA THR A 228 3.21 -1.99 -17.47
C THR A 228 3.11 -1.72 -15.97
N PHE A 229 4.26 -1.65 -15.32
CA PHE A 229 4.32 -1.33 -13.89
C PHE A 229 3.62 -0.01 -13.57
N THR A 230 3.89 1.02 -14.37
CA THR A 230 3.27 2.33 -14.13
C THR A 230 1.77 2.32 -14.42
N LEU A 231 1.37 1.52 -15.41
CA LEU A 231 -0.04 1.41 -15.75
C LEU A 231 -0.82 0.78 -14.61
N LEU A 232 -0.23 -0.25 -14.01
CA LEU A 232 -0.82 -0.92 -12.87
C LEU A 232 -0.96 -0.01 -11.65
N ILE A 233 0.06 0.80 -11.38
CA ILE A 233 0.01 1.70 -10.22
C ILE A 233 -0.99 2.84 -10.46
N SER A 234 -1.00 3.37 -11.68
CA SER A 234 -1.96 4.42 -12.03
C SER A 234 -3.40 3.90 -11.93
N ARG A 235 -3.60 2.63 -12.29
CA ARG A 235 -4.91 2.00 -12.16
C ARG A 235 -5.30 1.91 -10.69
N SER A 236 -4.33 1.58 -9.86
CA SER A 236 -4.53 1.51 -8.42
C SER A 236 -4.96 2.86 -7.87
N CYS A 237 -4.37 3.92 -8.40
CA CYS A 237 -4.67 5.27 -7.97
C CYS A 237 -6.08 5.67 -8.39
N PHE A 238 -6.43 5.37 -9.63
CA PHE A 238 -7.78 5.64 -10.14
C PHE A 238 -8.83 4.93 -9.28
N ASN A 239 -8.64 3.64 -9.06
CA ASN A 239 -9.58 2.84 -8.27
C ASN A 239 -9.80 3.39 -6.86
N ASP A 240 -8.70 3.67 -6.16
CA ASP A 240 -8.79 4.18 -4.79
C ASP A 240 -9.43 5.57 -4.77
N ASP A 241 -9.10 6.39 -5.75
CA ASP A 241 -9.67 7.74 -5.81
C ASP A 241 -11.17 7.68 -6.07
N GLN A 242 -11.61 6.72 -6.88
CA GLN A 242 -13.04 6.54 -7.15
C GLN A 242 -13.76 6.10 -5.87
N ALA A 243 -13.10 5.26 -5.08
CA ALA A 243 -13.67 4.81 -3.81
C ALA A 243 -13.81 5.96 -2.83
N CYS A 244 -12.79 6.82 -2.79
CA CYS A 244 -12.82 8.00 -1.93
C CYS A 244 -13.95 8.93 -2.33
N GLU A 245 -14.14 9.08 -3.64
CA GLU A 245 -15.16 9.98 -4.16
C GLU A 245 -16.54 9.49 -3.74
N ARG A 246 -16.73 8.17 -3.74
CA ARG A 246 -18.01 7.60 -3.34
C ARG A 246 -18.27 7.83 -1.84
N ILE A 247 -17.21 7.81 -1.03
CA ILE A 247 -17.36 8.12 0.39
C ILE A 247 -17.83 9.57 0.55
N ARG A 248 -17.19 10.49 -0.17
CA ARG A 248 -17.54 11.90 -0.12
C ARG A 248 -18.97 12.16 -0.59
N LYS A 249 -19.40 11.44 -1.62
CA LYS A 249 -20.75 11.61 -2.14
C LYS A 249 -21.78 11.18 -1.10
N ASN A 250 -21.46 10.11 -0.38
CA ASN A 250 -22.32 9.64 0.70
C ASN A 250 -22.36 10.63 1.86
N LEU A 251 -21.21 11.20 2.17
CA LEU A 251 -21.10 12.19 3.24
C LEU A 251 -21.88 13.47 2.90
N GLU A 252 -21.78 13.89 1.63
CA GLU A 252 -22.52 15.05 1.15
C GLU A 252 -24.03 14.90 1.36
N GLN A 253 -24.53 13.69 1.24
CA GLN A 253 -25.96 13.42 1.35
C GLN A 253 -26.40 13.15 2.79
N CYS A 254 -25.45 13.17 3.72
CA CYS A 254 -25.75 12.89 5.11
C CYS A 254 -26.09 14.17 5.87
N SER A 255 -27.37 14.37 6.12
CA SER A 255 -27.84 15.57 6.83
C SER A 255 -27.75 15.40 8.33
N VAL A 256 -27.01 16.29 8.99
CA VAL A 256 -26.88 16.24 10.44
C VAL A 256 -28.23 16.54 11.10
N SER A 257 -28.93 17.56 10.60
CA SER A 257 -30.22 17.94 11.18
C SER A 257 -31.25 16.80 11.05
N GLN A 258 -31.22 16.08 9.94
CA GLN A 258 -32.12 14.94 9.76
C GLN A 258 -31.75 13.82 10.73
N ASP A 259 -30.46 13.60 10.93
CA ASP A 259 -29.97 12.61 11.89
C ASP A 259 -30.40 12.93 13.31
N VAL A 260 -30.34 14.20 13.68
CA VAL A 260 -30.70 14.61 15.04
C VAL A 260 -32.21 14.41 15.26
N LEU A 261 -32.99 14.75 14.25
CA LEU A 261 -34.43 14.52 14.26
C LEU A 261 -34.74 13.03 14.48
N GLU A 262 -34.12 12.17 13.68
CA GLU A 262 -34.34 10.73 13.81
C GLU A 262 -33.81 10.18 15.13
N PHE A 263 -32.74 10.78 15.61
CA PHE A 263 -32.19 10.41 16.92
C PHE A 263 -33.22 10.69 18.00
N ILE A 264 -33.83 11.87 17.93
CA ILE A 264 -34.84 12.27 18.89
C ILE A 264 -36.01 11.28 18.89
N ASP A 265 -36.51 10.92 17.71
CA ASP A 265 -37.63 10.01 17.59
C ASP A 265 -37.35 8.62 18.17
N ALA A 266 -36.09 8.20 18.10
CA ALA A 266 -35.70 6.85 18.51
C ALA A 266 -35.25 6.78 19.97
N LYS A 267 -34.82 7.92 20.51
CA LYS A 267 -34.22 7.93 21.85
C LYS A 267 -35.06 8.71 22.85
N SER A 268 -36.16 9.30 22.39
CA SER A 268 -37.03 10.09 23.24
C SER A 268 -37.52 9.29 24.45
N THR A 269 -37.63 9.96 25.59
CA THR A 269 -38.05 9.31 26.83
C THR A 269 -39.42 9.82 27.29
N GLY A 270 -39.92 10.84 26.60
CA GLY A 270 -41.21 11.41 26.94
C GLY A 270 -41.32 12.89 26.60
N THR A 271 -42.52 13.31 26.20
CA THR A 271 -42.78 14.70 25.85
C THR A 271 -43.54 15.40 26.96
N GLY A 272 -43.80 14.67 28.04
CA GLY A 272 -44.57 15.21 29.14
C GLY A 272 -43.74 15.55 30.36
N ILE A 273 -43.80 16.82 30.77
CA ILE A 273 -43.10 17.29 31.95
C ILE A 273 -43.86 16.90 33.21
N PRO A 274 -43.19 16.15 34.11
CA PRO A 274 -43.80 15.78 35.39
C PRO A 274 -44.10 17.00 36.26
N GLN A 275 -45.31 17.07 36.79
CA GLN A 275 -45.72 18.18 37.64
C GLN A 275 -45.54 17.82 39.11
N PRO A 276 -45.15 18.80 39.94
CA PRO A 276 -44.97 18.59 41.37
C PRO A 276 -46.23 18.07 42.04
N PRO A 277 -46.08 17.21 43.05
CA PRO A 277 -47.23 16.66 43.77
C PRO A 277 -48.02 17.76 44.47
N LYS A 278 -49.35 17.65 44.45
CA LYS A 278 -50.21 18.67 45.02
C LYS A 278 -50.65 18.33 46.44
N PHE A 279 -51.28 19.29 47.10
CA PHE A 279 -51.78 19.11 48.46
C PHE A 279 -53.05 18.28 48.47
N TYR A 280 -53.08 17.25 49.32
CA TYR A 280 -54.26 16.39 49.44
C TYR A 280 -54.95 16.58 50.79
N ASP A 281 -56.00 17.39 50.79
CA ASP A 281 -56.75 17.68 51.99
C ASP A 281 -57.63 16.49 52.38
N TYR A 282 -57.30 15.87 53.52
CA TYR A 282 -57.99 14.68 53.99
C TYR A 282 -59.51 14.84 54.12
N TYR A 283 -59.96 16.08 54.31
CA TYR A 283 -61.37 16.33 54.64
C TYR A 283 -62.27 16.53 53.42
N LYS A 284 -61.73 17.09 52.35
CA LYS A 284 -62.50 17.28 51.11
C LYS A 284 -62.49 15.98 50.29
N GLY A 285 -62.34 14.86 50.99
CA GLY A 285 -62.34 13.55 50.37
C GLY A 285 -61.07 13.23 49.60
N GLU A 286 -60.15 14.19 49.56
CA GLU A 286 -58.92 14.03 48.79
C GLU A 286 -58.03 12.94 49.39
N VAL A 287 -57.36 12.20 48.52
CA VAL A 287 -56.56 11.05 48.93
C VAL A 287 -55.30 10.97 48.07
N PRO A 288 -54.12 10.81 48.71
CA PRO A 288 -52.82 10.77 48.03
C PRO A 288 -52.77 9.84 46.82
N ASP A 289 -52.21 10.31 45.72
CA ASP A 289 -52.11 9.51 44.51
C ASP A 289 -50.68 9.53 44.00
N ASP A 290 -50.33 8.60 43.12
CA ASP A 290 -48.96 8.52 42.60
C ASP A 290 -48.91 8.86 41.12
N SER A 291 -50.10 8.97 40.51
CA SER A 291 -50.22 9.33 39.10
C SER A 291 -49.57 10.68 38.81
N VAL A 292 -48.37 10.65 38.26
CA VAL A 292 -47.65 11.87 37.92
C VAL A 292 -48.36 12.62 36.81
N GLU A 293 -48.90 13.79 37.16
CA GLU A 293 -49.51 14.68 36.19
C GLU A 293 -48.47 15.12 35.17
N LEU A 294 -48.85 15.13 33.90
CA LEU A 294 -47.92 15.54 32.86
C LEU A 294 -48.45 16.73 32.07
N VAL A 295 -47.59 17.73 31.87
CA VAL A 295 -47.89 18.84 30.99
C VAL A 295 -46.94 18.79 29.79
N GLN A 296 -47.51 18.73 28.59
CA GLN A 296 -46.71 18.59 27.37
C GLN A 296 -45.72 19.73 27.19
N ALA A 297 -44.46 19.37 26.96
CA ALA A 297 -43.39 20.34 26.72
C ALA A 297 -43.65 21.12 25.43
N ASN A 298 -43.32 22.40 25.44
CA ASN A 298 -43.64 23.26 24.31
C ASN A 298 -42.64 24.41 24.17
N PHE A 299 -41.36 24.10 24.34
CA PHE A 299 -40.32 25.12 24.29
C PHE A 299 -39.89 25.40 22.85
N GLN A 300 -39.24 26.54 22.66
CA GLN A 300 -38.61 26.88 21.39
C GLN A 300 -37.11 26.61 21.48
N ARG A 301 -36.55 26.05 20.40
CA ARG A 301 -35.14 25.71 20.35
C ARG A 301 -34.24 26.95 20.49
N MET B 4 -44.79 22.76 18.37
CA MET B 4 -43.85 22.05 19.22
C MET B 4 -42.59 21.67 18.45
N ASP B 5 -41.48 22.35 18.74
CA ASP B 5 -40.20 22.06 18.10
C ASP B 5 -39.70 20.66 18.46
N LYS B 6 -39.09 19.99 17.49
CA LYS B 6 -38.48 18.68 17.75
C LYS B 6 -37.05 18.87 18.23
N SER B 7 -36.90 18.99 19.55
CA SER B 7 -35.63 19.29 20.17
C SER B 7 -35.45 18.41 21.40
N PHE B 8 -34.23 18.34 21.92
CA PHE B 8 -33.98 17.58 23.13
C PHE B 8 -34.84 18.12 24.27
N SER B 9 -35.04 19.44 24.27
CA SER B 9 -35.74 20.12 25.36
C SER B 9 -37.22 19.72 25.44
N ASN B 10 -37.75 19.13 24.38
CA ASN B 10 -39.16 18.78 24.36
C ASN B 10 -39.41 17.27 24.36
N TYR B 11 -38.34 16.49 24.34
CA TYR B 11 -38.48 15.05 24.12
C TYR B 11 -37.71 14.14 25.07
N PHE B 12 -37.06 14.72 26.07
CA PHE B 12 -36.29 13.91 27.01
C PHE B 12 -36.71 14.15 28.45
N TRP B 13 -37.99 13.91 28.72
CA TRP B 13 -38.52 14.00 30.07
C TRP B 13 -38.82 12.60 30.59
N GLY B 14 -40.07 12.36 30.98
CA GLY B 14 -40.46 11.07 31.55
C GLY B 14 -40.73 11.22 33.03
N ALA B 15 -41.64 10.40 33.56
CA ALA B 15 -42.08 10.50 34.94
C ALA B 15 -40.95 10.25 35.96
N ASN B 16 -39.96 9.45 35.58
CA ASN B 16 -38.87 9.11 36.49
C ASN B 16 -37.54 9.74 36.06
N ASP B 17 -37.60 10.88 35.38
CA ASP B 17 -36.43 11.56 34.85
C ASP B 17 -35.59 10.64 33.97
N GLU B 18 -36.26 9.85 33.13
CA GLU B 18 -35.57 8.92 32.23
C GLU B 18 -34.63 9.65 31.28
N GLY B 19 -35.08 10.80 30.76
CA GLY B 19 -34.30 11.57 29.82
C GLY B 19 -33.04 12.15 30.45
N TYR B 20 -33.12 12.39 31.76
CA TYR B 20 -31.98 12.86 32.53
C TYR B 20 -30.88 11.82 32.55
N HIS B 21 -31.23 10.59 32.89
CA HIS B 21 -30.25 9.52 32.98
C HIS B 21 -29.77 9.06 31.60
N ALA B 22 -30.68 9.10 30.62
CA ALA B 22 -30.34 8.67 29.26
C ALA B 22 -29.30 9.58 28.62
N LEU B 23 -29.55 10.89 28.64
CA LEU B 23 -28.65 11.84 27.99
C LEU B 23 -27.34 11.99 28.75
N LEU B 24 -27.32 11.60 30.02
CA LEU B 24 -26.09 11.65 30.79
C LEU B 24 -25.21 10.44 30.50
N SER B 25 -25.83 9.25 30.42
CA SER B 25 -25.08 8.04 30.10
C SER B 25 -24.74 8.02 28.61
N ARG B 26 -25.36 8.94 27.87
CA ARG B 26 -25.07 9.14 26.45
C ARG B 26 -23.61 9.52 26.23
N PHE B 27 -23.02 10.22 27.19
CA PHE B 27 -21.63 10.63 27.10
C PHE B 27 -20.71 9.42 26.96
N SER B 28 -21.04 8.36 27.68
CA SER B 28 -20.24 7.14 27.64
C SER B 28 -20.30 6.48 26.26
N ASP B 29 -21.47 6.54 25.61
CA ASP B 29 -21.63 5.95 24.28
C ASP B 29 -20.84 6.74 23.24
N VAL B 30 -21.00 8.06 23.29
CA VAL B 30 -20.27 8.97 22.40
C VAL B 30 -18.77 8.74 22.49
N LYS B 31 -18.27 8.52 23.70
CA LYS B 31 -16.84 8.28 23.93
C LYS B 31 -16.40 6.94 23.31
N HIS B 32 -17.25 5.93 23.41
CA HIS B 32 -16.96 4.61 22.85
CA HIS B 32 -16.91 4.63 22.86
C HIS B 32 -16.94 4.64 21.33
N ILE B 33 -17.89 5.37 20.75
CA ILE B 33 -17.94 5.52 19.30
C ILE B 33 -16.65 6.17 18.81
N ASN B 34 -16.27 7.26 19.46
CA ASN B 34 -15.05 7.97 19.09
C ASN B 34 -13.79 7.11 19.19
N GLU B 35 -13.72 6.27 20.22
CA GLU B 35 -12.57 5.41 20.42
C GLU B 35 -12.49 4.32 19.34
N GLU B 36 -13.66 3.80 18.94
CA GLU B 36 -13.72 2.79 17.89
C GLU B 36 -13.17 3.34 16.57
N LEU B 37 -13.61 4.55 16.21
CA LEU B 37 -13.13 5.20 15.01
C LEU B 37 -11.64 5.55 15.12
N ARG B 38 -11.24 6.05 16.29
CA ARG B 38 -9.83 6.39 16.51
C ARG B 38 -8.94 5.18 16.26
N SER B 39 -9.35 4.04 16.80
CA SER B 39 -8.64 2.79 16.63
C SER B 39 -8.60 2.37 15.16
N PHE B 40 -9.71 2.57 14.46
CA PHE B 40 -9.79 2.23 13.05
C PHE B 40 -8.75 3.00 12.23
N TYR B 41 -8.70 4.31 12.42
CA TYR B 41 -7.79 5.16 11.66
C TYR B 41 -6.35 5.03 12.13
N HIS B 42 -6.16 4.58 13.36
CA HIS B 42 -4.83 4.32 13.87
C HIS B 42 -4.21 3.15 13.11
N GLU B 43 -4.99 2.09 12.93
CA GLU B 43 -4.54 0.94 12.16
C GLU B 43 -4.31 1.32 10.71
N ARG B 44 -5.22 2.14 10.17
CA ARG B 44 -5.13 2.57 8.77
C ARG B 44 -3.87 3.41 8.54
N ALA B 45 -3.58 4.31 9.48
CA ALA B 45 -2.36 5.09 9.42
C ALA B 45 -1.13 4.20 9.54
N ASN B 46 -1.24 3.19 10.40
CA ASN B 46 -0.16 2.25 10.66
C ASN B 46 0.19 1.43 9.42
N ILE B 47 -0.84 0.93 8.75
CA ILE B 47 -0.70 0.22 7.49
C ILE B 47 0.03 1.09 6.46
N GLU B 48 -0.34 2.36 6.42
CA GLU B 48 0.26 3.29 5.48
C GLU B 48 1.74 3.51 5.79
N GLU B 49 2.07 3.62 7.06
CA GLU B 49 3.46 3.87 7.48
C GLU B 49 4.36 2.68 7.18
N ASP B 50 3.88 1.49 7.51
CA ASP B 50 4.59 0.25 7.21
C ASP B 50 4.81 0.11 5.70
N TYR B 51 3.78 0.47 4.94
CA TYR B 51 3.83 0.49 3.48
C TYR B 51 4.96 1.38 3.00
N ALA B 52 4.99 2.60 3.52
CA ALA B 52 5.98 3.59 3.12
C ALA B 52 7.40 3.16 3.50
N LYS B 53 7.56 2.67 4.71
CA LYS B 53 8.88 2.28 5.22
C LYS B 53 9.45 1.12 4.41
N ARG B 54 8.59 0.17 4.07
CA ARG B 54 9.01 -0.99 3.32
C ARG B 54 9.32 -0.62 1.87
N MET B 55 8.61 0.37 1.35
CA MET B 55 8.82 0.82 -0.03
C MET B 55 10.09 1.67 -0.14
N ALA B 56 10.45 2.36 0.92
CA ALA B 56 11.66 3.18 0.92
C ALA B 56 12.89 2.28 0.98
N LYS B 57 12.79 1.21 1.76
CA LYS B 57 13.84 0.21 1.85
C LYS B 57 14.10 -0.43 0.49
N LEU B 58 13.04 -0.69 -0.25
CA LEU B 58 13.14 -1.28 -1.59
C LEU B 58 13.88 -0.37 -2.56
N SER B 59 13.58 0.93 -2.51
CA SER B 59 14.16 1.89 -3.45
C SER B 59 15.62 2.17 -3.13
N ARG B 60 16.11 1.59 -2.04
CA ARG B 60 17.50 1.75 -1.66
CA ARG B 60 17.50 1.73 -1.61
C ARG B 60 18.36 0.66 -2.29
N THR B 61 17.71 -0.17 -3.11
CA THR B 61 18.41 -1.21 -3.87
C THR B 61 19.45 -0.60 -4.81
N THR B 62 20.58 -1.27 -4.96
CA THR B 62 21.61 -0.82 -5.89
C THR B 62 21.70 -1.78 -7.06
N PHE B 63 21.48 -1.27 -8.27
CA PHE B 63 21.58 -2.08 -9.48
C PHE B 63 23.00 -2.03 -10.04
N SER B 64 23.37 -3.05 -10.81
CA SER B 64 24.68 -3.12 -11.42
C SER B 64 24.83 -2.10 -12.56
N SER B 65 26.06 -1.78 -12.91
CA SER B 65 26.31 -0.80 -13.96
C SER B 65 26.49 -1.46 -15.32
N LEU B 66 25.98 -2.68 -15.45
CA LEU B 66 26.07 -3.42 -16.69
C LEU B 66 25.17 -2.81 -17.76
N GLU B 67 24.05 -2.23 -17.33
CA GLU B 67 23.11 -1.60 -18.24
C GLU B 67 23.72 -0.33 -18.84
N THR B 68 23.32 0.01 -20.06
CA THR B 68 23.87 1.16 -20.76
C THR B 68 22.79 2.06 -21.37
N GLY B 69 23.20 3.26 -21.79
CA GLY B 69 22.34 4.14 -22.55
C GLY B 69 21.20 4.76 -21.77
N CYS B 70 20.17 5.18 -22.49
CA CYS B 70 19.01 5.82 -21.88
C CYS B 70 18.25 4.82 -21.01
N LEU B 71 18.34 3.54 -21.38
CA LEU B 71 17.68 2.48 -20.63
C LEU B 71 18.21 2.41 -19.19
N LYS B 72 19.53 2.59 -19.05
CA LYS B 72 20.16 2.65 -17.74
C LYS B 72 19.59 3.81 -16.92
N GLU B 73 19.36 4.93 -17.60
CA GLU B 73 18.81 6.12 -16.98
C GLU B 73 17.35 5.90 -16.58
N SER B 74 16.61 5.22 -17.43
CA SER B 74 15.20 4.94 -17.19
C SER B 74 15.00 4.08 -15.94
N VAL B 75 15.87 3.11 -15.76
CA VAL B 75 15.81 2.24 -14.58
C VAL B 75 16.02 3.05 -13.31
N GLN B 76 16.95 4.01 -13.36
CA GLN B 76 17.21 4.89 -12.23
C GLN B 76 16.04 5.84 -11.98
N VAL B 77 15.44 6.36 -13.05
CA VAL B 77 14.27 7.21 -12.93
C VAL B 77 13.11 6.45 -12.31
N MET B 78 12.94 5.20 -12.75
CA MET B 78 11.91 4.33 -12.22
C MET B 78 12.09 4.14 -10.71
N LYS B 79 13.30 3.78 -10.30
CA LYS B 79 13.60 3.53 -8.90
C LYS B 79 13.52 4.80 -8.07
N ALA B 80 13.92 5.93 -8.66
CA ALA B 80 13.83 7.21 -7.97
C ALA B 80 12.36 7.61 -7.74
N GLU B 81 11.51 7.31 -8.72
CA GLU B 81 10.10 7.66 -8.58
C GLU B 81 9.40 6.70 -7.63
N VAL B 82 9.88 5.47 -7.57
CA VAL B 82 9.43 4.54 -6.54
C VAL B 82 9.81 5.08 -5.16
N ASP B 83 10.99 5.69 -5.08
CA ASP B 83 11.45 6.33 -3.85
C ASP B 83 10.54 7.50 -3.50
N ASN B 84 10.20 8.31 -4.51
CA ASN B 84 9.32 9.46 -4.30
C ASN B 84 7.93 9.06 -3.81
N MET B 85 7.43 7.95 -4.33
CA MET B 85 6.13 7.43 -3.89
C MET B 85 6.20 7.03 -2.43
N ALA B 86 7.33 6.43 -2.04
CA ALA B 86 7.55 6.03 -0.65
C ALA B 86 7.54 7.23 0.29
N LYS B 87 8.22 8.30 -0.10
CA LYS B 87 8.27 9.51 0.72
C LYS B 87 6.86 10.11 0.86
N SER B 88 6.13 10.11 -0.24
CA SER B 88 4.76 10.61 -0.26
C SER B 88 3.87 9.83 0.69
N HIS B 89 3.93 8.50 0.60
CA HIS B 89 3.12 7.65 1.46
C HIS B 89 3.50 7.80 2.92
N LEU B 90 4.75 8.18 3.18
CA LEU B 90 5.21 8.39 4.53
C LEU B 90 4.58 9.64 5.13
N GLN B 91 4.60 10.73 4.38
CA GLN B 91 3.99 11.97 4.84
C GLN B 91 2.47 11.81 4.99
N ILE B 92 1.86 11.06 4.08
CA ILE B 92 0.43 10.80 4.16
C ILE B 92 0.08 10.05 5.45
N SER B 93 0.90 9.06 5.80
CA SER B 93 0.70 8.31 7.04
C SER B 93 0.83 9.21 8.27
N GLN B 94 1.69 10.23 8.17
CA GLN B 94 1.88 11.17 9.25
C GLN B 94 0.67 12.08 9.39
N LEU B 95 0.13 12.50 8.24
CA LEU B 95 -1.05 13.36 8.24
C LEU B 95 -2.29 12.59 8.67
N LEU B 96 -2.35 11.31 8.31
CA LEU B 96 -3.44 10.46 8.78
C LEU B 96 -3.40 10.37 10.30
N GLN B 97 -2.19 10.32 10.85
CA GLN B 97 -2.01 10.20 12.28
C GLN B 97 -2.37 11.48 13.04
N ASP B 98 -1.87 12.61 12.55
N ASP B 98 -1.88 12.62 12.56
CA ASP B 98 -2.03 13.88 13.23
CA ASP B 98 -2.06 13.87 13.28
C ASP B 98 -3.39 14.54 12.98
C ASP B 98 -3.41 14.55 12.98
N ASP B 99 -3.90 14.40 11.76
CA ASP B 99 -5.11 15.10 11.34
C ASP B 99 -6.38 14.25 11.38
N VAL B 100 -6.23 12.94 11.33
CA VAL B 100 -7.39 12.06 11.43
C VAL B 100 -7.42 11.36 12.79
N GLU B 101 -6.46 10.48 13.04
CA GLU B 101 -6.37 9.76 14.31
C GLU B 101 -6.35 10.69 15.51
N ASN B 102 -5.41 11.63 15.54
CA ASN B 102 -5.26 12.54 16.67
C ASN B 102 -6.42 13.53 16.81
N ALA B 103 -7.22 13.68 15.76
CA ALA B 103 -8.40 14.53 15.82
C ALA B 103 -9.37 14.01 16.89
N PHE B 104 -9.55 12.69 16.93
CA PHE B 104 -10.45 12.08 17.91
C PHE B 104 -9.91 12.26 19.32
N THR B 105 -8.59 12.29 19.44
CA THR B 105 -7.95 12.47 20.73
C THR B 105 -8.16 13.89 21.24
N ARG B 106 -8.05 14.87 20.35
CA ARG B 106 -8.31 16.26 20.70
C ARG B 106 -9.77 16.48 21.07
N TYR B 107 -10.68 15.78 20.36
CA TYR B 107 -12.10 15.90 20.63
C TYR B 107 -12.45 15.30 21.98
N ALA B 108 -11.87 14.13 22.28
CA ALA B 108 -12.12 13.42 23.53
C ALA B 108 -11.79 14.27 24.74
N ALA B 109 -10.72 15.06 24.63
CA ALA B 109 -10.28 15.92 25.72
C ALA B 109 -11.27 17.06 25.94
N SER B 110 -11.73 17.66 24.85
CA SER B 110 -12.67 18.78 24.92
C SER B 110 -14.04 18.31 25.40
N LEU B 111 -14.45 17.13 24.96
CA LEU B 111 -15.73 16.55 25.36
C LEU B 111 -15.76 16.25 26.86
N LYS B 112 -14.62 15.78 27.37
CA LYS B 112 -14.50 15.46 28.79
C LYS B 112 -14.67 16.69 29.66
N ASP B 113 -14.01 17.77 29.28
CA ASP B 113 -14.11 19.03 30.02
C ASP B 113 -15.50 19.63 29.88
N LYS B 114 -16.12 19.43 28.72
CA LYS B 114 -17.46 19.94 28.49
C LYS B 114 -18.47 19.18 29.34
N LYS B 115 -18.29 17.87 29.41
CA LYS B 115 -19.16 17.02 30.22
C LYS B 115 -19.13 17.41 31.69
N LYS B 116 -17.95 17.75 32.19
CA LYS B 116 -17.78 18.07 33.61
C LYS B 116 -18.60 19.30 33.98
N MET B 117 -18.82 20.18 33.01
CA MET B 117 -19.56 21.43 33.24
C MET B 117 -21.07 21.21 33.21
N ILE B 118 -21.53 20.41 32.25
CA ILE B 118 -22.95 20.05 32.19
C ILE B 118 -23.33 19.29 33.46
N VAL B 119 -22.56 18.25 33.77
CA VAL B 119 -22.84 17.41 34.94
C VAL B 119 -22.81 18.24 36.23
N SER B 120 -21.91 19.20 36.28
CA SER B 120 -21.81 20.11 37.43
C SER B 120 -23.11 20.88 37.66
N GLY B 121 -23.58 21.56 36.62
CA GLY B 121 -24.71 22.46 36.74
C GLY B 121 -26.10 21.83 36.69
N ILE B 122 -26.17 20.52 36.64
CA ILE B 122 -27.47 19.85 36.56
C ILE B 122 -27.65 18.78 37.64
N GLU B 123 -26.56 18.21 38.13
CA GLU B 123 -26.65 17.13 39.10
C GLU B 123 -27.04 17.67 40.46
N LYS B 124 -26.62 18.90 40.75
CA LYS B 124 -27.00 19.57 41.99
C LYS B 124 -28.49 19.92 41.95
N VAL B 125 -28.94 20.43 40.81
CA VAL B 125 -30.33 20.80 40.62
C VAL B 125 -31.25 19.58 40.74
N HIS B 126 -30.80 18.46 40.17
CA HIS B 126 -31.57 17.22 40.22
C HIS B 126 -31.70 16.68 41.64
N LYS B 127 -30.63 16.77 42.41
CA LYS B 127 -30.64 16.30 43.79
C LYS B 127 -31.59 17.13 44.64
N ASP B 128 -31.64 18.43 44.37
CA ASP B 128 -32.53 19.32 45.11
C ASP B 128 -33.99 18.97 44.85
N LYS B 129 -34.27 18.53 43.63
CA LYS B 129 -35.60 18.06 43.26
C LYS B 129 -35.97 16.82 44.06
N LEU B 130 -35.03 15.88 44.11
CA LEU B 130 -35.24 14.63 44.83
C LEU B 130 -35.25 14.85 46.34
N SER B 131 -34.50 15.84 46.80
CA SER B 131 -34.45 16.15 48.23
C SER B 131 -35.76 16.76 48.70
N LYS B 132 -36.30 17.69 47.92
CA LYS B 132 -37.57 18.33 48.23
C LYS B 132 -38.70 17.31 48.19
N HIS B 133 -38.62 16.38 47.24
CA HIS B 133 -39.66 15.37 47.06
C HIS B 133 -39.71 14.41 48.25
N GLN B 134 -38.54 14.10 48.81
CA GLN B 134 -38.47 13.26 50.00
C GLN B 134 -39.06 13.97 51.21
N ALA B 135 -38.85 15.29 51.27
CA ALA B 135 -39.38 16.09 52.37
C ALA B 135 -40.90 16.14 52.28
N LEU B 136 -41.41 16.09 51.06
CA LEU B 136 -42.85 16.16 50.81
C LEU B 136 -43.57 14.89 51.22
N VAL B 137 -43.05 13.75 50.78
CA VAL B 137 -43.68 12.46 51.09
C VAL B 137 -43.60 12.17 52.58
N LYS B 138 -42.62 12.75 53.26
CA LYS B 138 -42.47 12.56 54.69
C LYS B 138 -43.51 13.38 55.45
N ALA B 139 -43.72 14.62 55.00
CA ALA B 139 -44.72 15.49 55.59
C ALA B 139 -46.13 15.02 55.23
N GLN B 140 -46.27 14.49 54.02
CA GLN B 140 -47.54 13.97 53.56
C GLN B 140 -47.97 12.76 54.39
N ASP B 141 -47.00 11.93 54.75
CA ASP B 141 -47.27 10.73 55.54
C ASP B 141 -47.64 11.09 56.98
N LYS B 142 -46.94 12.07 57.54
CA LYS B 142 -47.21 12.54 58.89
C LYS B 142 -48.61 13.11 59.03
N TYR B 143 -49.04 13.87 58.02
CA TYR B 143 -50.35 14.50 58.04
C TYR B 143 -51.50 13.47 58.01
N HIS B 144 -51.41 12.51 57.09
CA HIS B 144 -52.48 11.53 56.94
C HIS B 144 -52.46 10.47 58.05
N TYR B 145 -51.30 10.25 58.65
CA TYR B 145 -51.20 9.34 59.78
C TYR B 145 -51.90 9.93 61.01
N LEU B 146 -51.84 11.25 61.14
CA LEU B 146 -52.53 11.94 62.22
C LEU B 146 -54.03 12.00 61.97
N CYS B 147 -54.40 12.20 60.70
CA CYS B 147 -55.80 12.24 60.31
C CYS B 147 -56.48 10.90 60.54
N LYS B 148 -55.74 9.81 60.32
CA LYS B 148 -56.27 8.48 60.56
C LYS B 148 -56.37 8.22 62.06
N LYS B 149 -55.54 8.93 62.84
CA LYS B 149 -55.48 8.69 64.27
C LYS B 149 -56.56 9.49 65.01
N VAL B 150 -56.83 10.70 64.53
CA VAL B 150 -57.94 11.49 65.03
C VAL B 150 -59.24 10.74 64.72
N ASN B 151 -59.24 10.07 63.57
CA ASN B 151 -60.38 9.25 63.15
C ASN B 151 -60.56 8.03 64.04
N TYR B 152 -59.47 7.51 64.58
CA TYR B 152 -59.54 6.37 65.49
C TYR B 152 -60.21 6.76 66.80
N TYR B 153 -59.70 7.83 67.43
CA TYR B 153 -60.22 8.27 68.72
C TYR B 153 -61.67 8.75 68.62
N VAL B 154 -62.03 9.27 67.46
CA VAL B 154 -63.38 9.74 67.21
C VAL B 154 -64.40 8.60 67.14
N SER B 155 -64.06 7.55 66.39
CA SER B 155 -64.95 6.40 66.24
C SER B 155 -65.10 5.63 67.56
N GLN B 156 -64.16 5.84 68.48
CA GLN B 156 -64.20 5.18 69.78
C GLN B 156 -64.85 6.05 70.86
N GLN B 157 -65.31 7.23 70.48
CA GLN B 157 -65.93 8.15 71.43
C GLN B 157 -67.22 7.59 72.01
N ASN B 158 -68.24 7.47 71.16
CA ASN B 158 -69.56 7.02 71.60
C ASN B 158 -69.54 5.61 72.19
N MET B 159 -68.58 4.81 71.72
CA MET B 159 -68.39 3.45 72.24
C MET B 159 -67.82 3.45 73.65
N LEU B 160 -67.30 4.59 74.09
CA LEU B 160 -66.62 4.65 75.37
C LEU B 160 -67.38 5.45 76.42
N PHE B 161 -66.74 5.65 77.58
CA PHE B 161 -67.44 6.04 78.79
C PHE B 161 -66.49 6.50 79.90
N GLY B 162 -66.93 7.48 80.68
CA GLY B 162 -66.20 7.93 81.87
C GLY B 162 -64.71 8.19 81.77
N LYS B 163 -63.93 7.44 82.54
CA LYS B 163 -62.48 7.64 82.62
C LYS B 163 -61.74 7.10 81.40
N GLU B 164 -62.34 6.15 80.70
CA GLU B 164 -61.78 5.64 79.45
C GLU B 164 -61.98 6.68 78.36
N LEU B 165 -63.16 7.30 78.39
CA LEU B 165 -63.50 8.36 77.45
C LEU B 165 -62.54 9.54 77.59
N GLU B 166 -62.27 9.93 78.84
CA GLU B 166 -61.39 11.05 79.13
C GLU B 166 -59.97 10.79 78.64
N LYS B 167 -59.48 9.57 78.88
CA LYS B 167 -58.16 9.19 78.42
C LYS B 167 -58.12 9.17 76.89
N ASN B 168 -59.22 8.75 76.30
CA ASN B 168 -59.35 8.70 74.84
C ASN B 168 -59.40 10.09 74.23
N ASN B 169 -60.28 10.94 74.75
CA ASN B 169 -60.44 12.29 74.25
C ASN B 169 -59.22 13.18 74.48
N ALA B 170 -58.43 12.84 75.50
CA ALA B 170 -57.19 13.56 75.78
C ALA B 170 -56.20 13.34 74.65
N LYS B 171 -56.14 12.11 74.17
CA LYS B 171 -55.29 11.77 73.04
C LYS B 171 -55.88 12.30 71.74
N LEU B 172 -57.18 12.56 71.75
CA LEU B 172 -57.86 13.12 70.60
C LEU B 172 -57.50 14.60 70.43
N ASN B 173 -57.54 15.34 71.54
CA ASN B 173 -57.19 16.75 71.53
C ASN B 173 -55.74 16.98 71.13
N LYS B 174 -54.84 16.23 71.76
CA LYS B 174 -53.41 16.31 71.48
C LYS B 174 -53.12 16.00 70.01
N THR B 175 -53.86 15.06 69.44
CA THR B 175 -53.68 14.69 68.05
C THR B 175 -54.34 15.71 67.12
N GLN B 176 -55.55 16.13 67.46
CA GLN B 176 -56.27 17.13 66.66
C GLN B 176 -55.50 18.44 66.60
N ASN B 177 -54.87 18.81 67.71
CA ASN B 177 -53.99 19.98 67.76
C ASN B 177 -52.84 19.85 66.78
N ALA B 178 -52.20 18.69 66.76
CA ALA B 178 -51.03 18.45 65.91
C ALA B 178 -51.39 18.44 64.42
N ILE B 179 -52.61 18.05 64.10
CA ILE B 179 -53.06 17.96 62.70
C ILE B 179 -52.98 19.31 61.99
N THR B 180 -53.44 20.37 62.66
CA THR B 180 -53.42 21.71 62.08
C THR B 180 -51.99 22.15 61.74
N ALA B 181 -51.05 21.79 62.60
CA ALA B 181 -49.65 22.14 62.40
C ALA B 181 -49.02 21.35 61.25
N SER B 182 -49.25 20.04 61.26
CA SER B 182 -48.66 19.18 60.23
C SER B 182 -49.27 19.47 58.87
N SER B 183 -50.51 19.98 58.88
CA SER B 183 -51.18 20.36 57.64
C SER B 183 -50.50 21.58 57.01
N SER B 184 -49.99 22.47 57.85
CA SER B 184 -49.25 23.63 57.39
C SER B 184 -47.86 23.24 56.89
N ASP B 185 -47.24 22.27 57.57
CA ASP B 185 -45.93 21.76 57.16
C ASP B 185 -46.06 21.02 55.84
N TYR B 186 -47.14 20.26 55.70
CA TYR B 186 -47.48 19.57 54.47
C TYR B 186 -47.59 20.59 53.33
N GLN B 187 -48.35 21.66 53.56
CA GLN B 187 -48.53 22.69 52.55
C GLN B 187 -47.22 23.42 52.25
N SER B 188 -46.42 23.65 53.29
CA SER B 188 -45.11 24.26 53.12
C SER B 188 -44.22 23.41 52.25
N ALA B 189 -44.32 22.09 52.42
CA ALA B 189 -43.54 21.15 51.62
C ALA B 189 -44.00 21.19 50.17
N VAL B 190 -45.32 21.24 49.97
CA VAL B 190 -45.89 21.33 48.64
C VAL B 190 -45.40 22.59 47.92
N ALA B 191 -45.35 23.70 48.65
CA ALA B 191 -44.86 24.96 48.10
C ALA B 191 -43.39 24.85 47.70
N ALA B 192 -42.59 24.23 48.56
CA ALA B 192 -41.16 24.08 48.31
C ALA B 192 -40.88 23.18 47.12
N VAL B 193 -41.62 22.08 47.02
CA VAL B 193 -41.43 21.12 45.94
C VAL B 193 -41.81 21.71 44.58
N ARG B 194 -42.88 22.51 44.55
CA ARG B 194 -43.31 23.13 43.31
C ARG B 194 -42.27 24.14 42.83
N ASP B 195 -41.57 24.77 43.78
CA ASP B 195 -40.51 25.71 43.44
C ASP B 195 -39.32 24.96 42.86
N SER B 196 -38.98 23.84 43.47
CA SER B 196 -37.85 23.01 43.02
C SER B 196 -38.10 22.39 41.65
N TYR B 197 -39.33 21.93 41.42
CA TYR B 197 -39.71 21.36 40.12
C TYR B 197 -39.69 22.41 39.02
N ALA B 198 -40.04 23.64 39.38
CA ALA B 198 -40.02 24.74 38.43
C ALA B 198 -38.59 25.04 37.99
N ARG B 199 -37.68 25.12 38.96
CA ARG B 199 -36.28 25.38 38.66
C ARG B 199 -35.68 24.24 37.84
N TRP B 200 -36.00 23.00 38.24
CA TRP B 200 -35.54 21.83 37.53
C TRP B 200 -35.96 21.84 36.06
N THR B 201 -37.23 22.16 35.84
CA THR B 201 -37.80 22.21 34.49
C THR B 201 -37.05 23.23 33.62
N ASN B 202 -36.86 24.43 34.16
CA ASN B 202 -36.16 25.48 33.44
C ASN B 202 -34.68 25.16 33.23
N GLU B 203 -34.09 24.42 34.16
CA GLU B 203 -32.67 24.10 34.09
C GLU B 203 -32.39 22.91 33.19
N TRP B 204 -33.30 21.94 33.20
CA TRP B 204 -33.13 20.74 32.36
C TRP B 204 -33.34 21.07 30.89
N ARG B 205 -34.23 22.01 30.59
CA ARG B 205 -34.44 22.40 29.21
C ARG B 205 -33.19 23.12 28.70
N SER B 206 -32.57 23.91 29.58
CA SER B 206 -31.35 24.62 29.26
C SER B 206 -30.21 23.66 28.97
N THR B 207 -30.09 22.64 29.83
CA THR B 207 -29.09 21.59 29.67
C THR B 207 -29.35 20.80 28.40
N CYS B 208 -30.63 20.52 28.13
CA CYS B 208 -31.03 19.82 26.92
C CYS B 208 -30.56 20.55 25.67
N ASP B 209 -30.75 21.87 25.66
CA ASP B 209 -30.31 22.69 24.55
C ASP B 209 -28.81 22.60 24.36
N LYS B 210 -28.08 22.54 25.46
CA LYS B 210 -26.63 22.37 25.40
C LYS B 210 -26.26 20.98 24.88
N LEU B 211 -26.93 19.96 25.41
CA LEU B 211 -26.65 18.58 24.99
C LEU B 211 -26.95 18.38 23.51
N GLN B 212 -27.96 19.07 23.00
CA GLN B 212 -28.29 18.98 21.59
C GLN B 212 -27.22 19.67 20.74
N ASP B 213 -26.70 20.78 21.23
CA ASP B 213 -25.58 21.46 20.58
C ASP B 213 -24.38 20.52 20.46
N ILE B 214 -24.14 19.75 21.52
CA ILE B 214 -23.04 18.80 21.55
C ILE B 214 -23.25 17.71 20.52
N GLU B 215 -24.46 17.17 20.45
CA GLU B 215 -24.77 16.10 19.52
C GLU B 215 -24.62 16.58 18.08
N GLU B 216 -25.10 17.78 17.80
CA GLU B 216 -24.95 18.39 16.48
C GLU B 216 -23.48 18.57 16.14
N GLU B 217 -22.73 19.14 17.08
CA GLU B 217 -21.29 19.33 16.95
C GLU B 217 -20.56 18.02 16.65
N ARG B 218 -20.97 16.97 17.33
CA ARG B 218 -20.36 15.66 17.20
C ARG B 218 -20.48 15.10 15.78
N ARG B 219 -21.68 15.20 15.22
CA ARG B 219 -21.93 14.64 13.89
C ARG B 219 -21.22 15.43 12.80
N HIS B 220 -21.14 16.75 12.97
CA HIS B 220 -20.40 17.59 12.04
C HIS B 220 -18.90 17.26 12.10
N PHE B 221 -18.44 16.95 13.32
CA PHE B 221 -17.03 16.63 13.54
C PHE B 221 -16.64 15.32 12.86
N LEU B 222 -17.39 14.26 13.15
CA LEU B 222 -17.07 12.93 12.60
C LEU B 222 -17.11 12.92 11.08
N LYS B 223 -18.06 13.64 10.49
CA LYS B 223 -18.13 13.78 9.04
C LYS B 223 -16.89 14.49 8.50
N SER B 224 -16.46 15.53 9.21
CA SER B 224 -15.30 16.32 8.82
C SER B 224 -14.03 15.47 8.81
N VAL B 225 -13.85 14.65 9.85
CA VAL B 225 -12.66 13.82 9.95
C VAL B 225 -12.67 12.71 8.89
N MET B 226 -13.84 12.14 8.62
CA MET B 226 -13.96 11.17 7.55
C MET B 226 -13.65 11.83 6.21
N TRP B 227 -14.16 13.04 6.02
CA TRP B 227 -13.90 13.79 4.81
C TRP B 227 -12.40 13.98 4.61
N THR B 228 -11.74 14.42 5.69
CA THR B 228 -10.29 14.62 5.69
C THR B 228 -9.56 13.34 5.31
N PHE B 229 -10.02 12.22 5.86
CA PHE B 229 -9.47 10.91 5.53
C PHE B 229 -9.47 10.64 4.02
N THR B 230 -10.57 10.96 3.35
CA THR B 230 -10.67 10.72 1.91
C THR B 230 -9.80 11.67 1.09
N LEU B 231 -9.66 12.90 1.56
CA LEU B 231 -8.84 13.89 0.85
C LEU B 231 -7.37 13.47 0.91
N LEU B 232 -6.97 12.91 2.03
CA LEU B 232 -5.60 12.43 2.21
C LEU B 232 -5.29 11.24 1.32
N ILE B 233 -6.24 10.31 1.20
CA ILE B 233 -6.03 9.15 0.35
C ILE B 233 -6.04 9.57 -1.12
N SER B 234 -6.97 10.44 -1.49
CA SER B 234 -7.01 10.98 -2.85
C SER B 234 -5.72 11.71 -3.20
N ARG B 235 -5.18 12.46 -2.24
CA ARG B 235 -3.93 13.17 -2.44
C ARG B 235 -2.79 12.18 -2.70
N SER B 236 -2.81 11.07 -1.96
CA SER B 236 -1.86 9.98 -2.15
C SER B 236 -1.97 9.40 -3.55
N CYS B 237 -3.19 9.21 -4.02
CA CYS B 237 -3.43 8.71 -5.38
C CYS B 237 -2.86 9.67 -6.41
N PHE B 238 -3.08 10.95 -6.18
CA PHE B 238 -2.60 11.97 -7.11
C PHE B 238 -1.07 11.94 -7.25
N ASN B 239 -0.37 11.94 -6.12
N ASN B 239 -0.34 11.93 -6.13
CA ASN B 239 1.09 11.95 -6.09
CA ASN B 239 1.12 11.98 -6.22
C ASN B 239 1.71 10.74 -6.81
C ASN B 239 1.74 10.72 -6.82
N ASP B 240 1.14 9.56 -6.54
CA ASP B 240 1.65 8.32 -7.13
C ASP B 240 1.41 8.31 -8.63
N ASP B 241 0.26 8.82 -9.05
CA ASP B 241 -0.08 8.88 -10.48
C ASP B 241 0.86 9.82 -11.20
N GLN B 242 1.16 10.97 -10.58
CA GLN B 242 2.10 11.92 -11.15
C GLN B 242 3.48 11.28 -11.29
N ALA B 243 3.89 10.51 -10.28
CA ALA B 243 5.15 9.80 -10.32
C ALA B 243 5.19 8.82 -11.50
N CYS B 244 4.07 8.13 -11.71
CA CYS B 244 3.98 7.17 -12.81
C CYS B 244 4.05 7.90 -14.15
N GLU B 245 3.38 9.05 -14.22
CA GLU B 245 3.44 9.89 -15.42
C GLU B 245 4.88 10.26 -15.77
N ARG B 246 5.63 10.68 -14.76
CA ARG B 246 7.01 11.10 -14.98
C ARG B 246 7.87 9.95 -15.48
N ILE B 247 7.66 8.76 -14.93
CA ILE B 247 8.32 7.55 -15.43
C ILE B 247 7.99 7.33 -16.91
N ARG B 248 6.72 7.50 -17.25
CA ARG B 248 6.27 7.30 -18.62
C ARG B 248 6.80 8.38 -19.56
N LYS B 249 6.97 9.60 -19.05
CA LYS B 249 7.57 10.67 -19.85
C LYS B 249 8.99 10.31 -20.25
N ASN B 250 9.70 9.66 -19.34
CA ASN B 250 11.07 9.28 -19.60
C ASN B 250 11.16 8.11 -20.57
N LEU B 251 10.28 7.13 -20.42
CA LEU B 251 10.25 5.97 -21.30
C LEU B 251 9.92 6.38 -22.74
N GLU B 252 9.02 7.36 -22.89
CA GLU B 252 8.69 7.90 -24.20
C GLU B 252 9.90 8.46 -24.94
N GLN B 253 10.85 9.01 -24.18
CA GLN B 253 11.99 9.71 -24.75
C GLN B 253 13.20 8.80 -24.94
N CYS B 254 13.11 7.58 -24.42
CA CYS B 254 14.21 6.62 -24.49
C CYS B 254 14.14 5.82 -25.79
N SER B 255 15.20 5.90 -26.59
CA SER B 255 15.23 5.24 -27.89
C SER B 255 16.06 3.96 -27.85
N VAL B 256 15.45 2.85 -28.26
CA VAL B 256 16.14 1.57 -28.30
C VAL B 256 17.22 1.57 -29.38
N SER B 257 16.88 2.11 -30.55
CA SER B 257 17.82 2.22 -31.66
C SER B 257 19.09 2.96 -31.27
N GLN B 258 18.91 4.13 -30.64
CA GLN B 258 20.05 4.93 -30.22
C GLN B 258 20.89 4.21 -29.18
N ASP B 259 20.24 3.48 -28.28
CA ASP B 259 20.96 2.72 -27.27
C ASP B 259 21.80 1.63 -27.90
N VAL B 260 21.23 0.95 -28.90
CA VAL B 260 21.94 -0.10 -29.62
C VAL B 260 23.10 0.48 -30.42
N LEU B 261 22.88 1.64 -31.04
CA LEU B 261 23.92 2.34 -31.77
C LEU B 261 25.08 2.73 -30.86
N GLU B 262 24.76 3.24 -29.67
CA GLU B 262 25.77 3.62 -28.70
C GLU B 262 26.45 2.39 -28.09
N PHE B 263 25.67 1.32 -27.95
CA PHE B 263 26.20 0.06 -27.45
C PHE B 263 27.25 -0.48 -28.40
N ILE B 264 26.92 -0.47 -29.69
CA ILE B 264 27.85 -0.91 -30.71
C ILE B 264 29.13 -0.08 -30.67
N ASP B 265 28.97 1.25 -30.62
CA ASP B 265 30.11 2.16 -30.57
C ASP B 265 31.03 1.90 -29.39
N ALA B 266 30.44 1.59 -28.24
CA ALA B 266 31.21 1.38 -27.01
C ALA B 266 31.84 -0.01 -26.96
N LYS B 267 31.13 -1.01 -27.48
CA LYS B 267 31.54 -2.39 -27.29
C LYS B 267 32.18 -3.04 -28.53
N SER B 268 32.26 -2.29 -29.63
CA SER B 268 32.80 -2.82 -30.88
C SER B 268 34.20 -3.40 -30.71
N THR B 269 34.41 -4.59 -31.26
CA THR B 269 35.67 -5.30 -31.08
C THR B 269 36.48 -5.31 -32.37
N GLY B 270 36.03 -4.57 -33.37
CA GLY B 270 36.73 -4.47 -34.63
C GLY B 270 35.83 -4.66 -35.83
N THR B 271 36.22 -4.05 -36.95
CA THR B 271 35.45 -4.14 -38.19
C THR B 271 36.19 -4.98 -39.22
N GLY B 272 37.36 -5.47 -38.85
CA GLY B 272 38.18 -6.25 -39.75
C GLY B 272 37.95 -7.75 -39.69
N ILE B 273 37.55 -8.33 -40.82
CA ILE B 273 37.36 -9.77 -40.92
C ILE B 273 38.69 -10.45 -41.19
N PRO B 274 39.11 -11.35 -40.28
CA PRO B 274 40.37 -12.08 -40.42
C PRO B 274 40.37 -12.98 -41.65
N GLN B 275 41.38 -12.82 -42.50
CA GLN B 275 41.48 -13.62 -43.72
C GLN B 275 42.30 -14.88 -43.48
N PRO B 276 41.99 -15.97 -44.20
CA PRO B 276 42.71 -17.24 -44.06
C PRO B 276 44.19 -17.15 -44.44
N PRO B 277 45.05 -17.91 -43.74
CA PRO B 277 46.48 -17.95 -44.02
C PRO B 277 46.78 -18.56 -45.38
N LYS B 278 47.73 -17.99 -46.11
CA LYS B 278 48.03 -18.46 -47.46
C LYS B 278 49.18 -19.47 -47.48
N PHE B 279 49.36 -20.10 -48.64
CA PHE B 279 50.44 -21.06 -48.84
C PHE B 279 51.75 -20.33 -49.11
N TYR B 280 52.73 -20.54 -48.22
CA TYR B 280 54.04 -19.95 -48.41
C TYR B 280 55.04 -20.98 -48.90
N ASP B 281 55.43 -20.86 -50.16
CA ASP B 281 56.37 -21.79 -50.76
C ASP B 281 57.76 -21.63 -50.17
N TYR B 282 57.98 -22.25 -49.00
CA TYR B 282 59.26 -22.22 -48.30
C TYR B 282 60.40 -22.71 -49.19
N TYR B 283 60.06 -23.57 -50.12
CA TYR B 283 61.05 -24.26 -50.95
C TYR B 283 61.76 -23.31 -51.90
N LYS B 284 61.28 -22.08 -52.01
CA LYS B 284 61.91 -21.09 -52.88
C LYS B 284 62.23 -19.80 -52.11
N GLY B 285 61.98 -19.83 -50.82
CA GLY B 285 62.31 -18.69 -49.97
C GLY B 285 61.14 -17.73 -49.77
N GLU B 286 59.93 -18.22 -50.01
CA GLU B 286 58.73 -17.42 -49.79
C GLU B 286 58.38 -17.47 -48.31
N VAL B 287 58.73 -16.40 -47.60
CA VAL B 287 58.61 -16.33 -46.15
C VAL B 287 57.23 -15.84 -45.73
N PRO B 288 56.65 -16.45 -44.69
CA PRO B 288 55.35 -16.00 -44.13
C PRO B 288 55.33 -14.53 -43.76
N ASP B 289 54.33 -13.83 -44.26
CA ASP B 289 53.97 -12.53 -43.74
C ASP B 289 52.89 -12.79 -42.70
N ASP B 290 53.31 -12.95 -41.44
CA ASP B 290 52.42 -13.40 -40.37
C ASP B 290 51.32 -12.39 -40.03
N SER B 291 51.13 -11.40 -40.90
CA SER B 291 50.07 -10.42 -40.73
C SER B 291 48.72 -11.05 -41.05
N VAL B 292 47.70 -10.71 -40.27
CA VAL B 292 46.35 -11.14 -40.57
C VAL B 292 45.69 -10.10 -41.47
N GLU B 293 45.49 -10.42 -42.73
CA GLU B 293 44.83 -9.50 -43.66
C GLU B 293 43.40 -9.27 -43.18
N LEU B 294 42.99 -8.01 -43.14
CA LEU B 294 41.64 -7.67 -42.70
C LEU B 294 40.83 -7.03 -43.82
N VAL B 295 39.82 -7.75 -44.29
CA VAL B 295 38.84 -7.19 -45.21
C VAL B 295 37.68 -6.63 -44.39
N GLN B 296 37.51 -5.32 -44.43
CA GLN B 296 36.49 -4.64 -43.62
C GLN B 296 35.08 -5.11 -43.97
N ALA B 297 34.31 -5.47 -42.94
CA ALA B 297 32.97 -6.01 -43.13
C ALA B 297 32.04 -4.98 -43.76
N ASN B 298 31.18 -5.43 -44.67
CA ASN B 298 30.24 -4.57 -45.36
C ASN B 298 28.88 -5.25 -45.49
N PHE B 299 28.43 -5.86 -44.42
CA PHE B 299 27.17 -6.59 -44.42
C PHE B 299 25.97 -5.68 -44.20
N GLN B 300 24.81 -6.08 -44.70
CA GLN B 300 23.59 -5.30 -44.54
C GLN B 300 22.73 -5.86 -43.41
N ARG B 301 21.86 -5.00 -42.89
CA ARG B 301 21.02 -5.36 -41.75
C ARG B 301 19.54 -5.23 -42.09
#